data_3BDW
#
_entry.id   3BDW
#
_cell.length_a   44.651
_cell.length_b   34.730
_cell.length_c   152.896
_cell.angle_alpha   90.000
_cell.angle_beta   89.720
_cell.angle_gamma   90.000
#
_symmetry.space_group_name_H-M   'P 1 21 1'
#
loop_
_entity.id
_entity.type
_entity.pdbx_description
1 polymer 'Natural killer cells antigen CD94'
2 polymer 'NKG2-A/NKG2-B type II integral membrane protein'
3 water water
#
loop_
_entity_poly.entity_id
_entity_poly.type
_entity_poly.pdbx_seq_one_letter_code
_entity_poly.pdbx_strand_id
1 'polypeptide(L)'
;DCCSCQEKWVGYRCNCYFISSEQKTWNESRHLCASQKSSLLQLQNTDELDFMSSSQQFYWIGLSYSEEHTAWLWENGSAL
SQYLFPSFETFNTKNCIAYNPNGNALDESCEDKNRYICKQQLI
;
A,C
2 'polypeptide(L)'
;ARHCGHCPEEWITYSNSCYYIGKERRTWEESLLACTSKNSSLLSIDNEEEMKFLSIISPSSWIGVFRNSSHHPWVTMNGL
AFKHEIKDSDNAELNCAVLQVNRLKSAQCGSSIIYHCKHK
;
B,D
#
# COMPACT_ATOMS: atom_id res chain seq x y z
N ASP A 1 -21.07 -13.94 10.20
CA ASP A 1 -21.00 -14.09 8.71
C ASP A 1 -20.41 -12.84 8.07
N CYS A 2 -20.98 -11.69 8.42
CA CYS A 2 -20.60 -10.35 7.93
C CYS A 2 -20.61 -10.07 6.42
N CYS A 3 -20.81 -11.09 5.60
CA CYS A 3 -20.72 -10.96 4.16
C CYS A 3 -22.11 -11.41 3.70
N SER A 4 -23.14 -10.77 4.28
CA SER A 4 -24.52 -10.93 3.88
C SER A 4 -24.82 -9.87 2.79
N CYS A 5 -25.90 -9.11 2.93
CA CYS A 5 -26.10 -7.84 2.20
C CYS A 5 -26.64 -7.96 0.78
N GLN A 6 -27.73 -8.69 0.57
CA GLN A 6 -28.34 -8.81 -0.76
C GLN A 6 -27.37 -8.86 -1.94
N GLU A 7 -27.88 -8.42 -3.12
CA GLU A 7 -26.99 -8.00 -4.21
C GLU A 7 -27.28 -6.52 -4.27
N LYS A 8 -26.22 -5.73 -4.39
CA LYS A 8 -26.32 -4.27 -4.56
C LYS A 8 -26.72 -3.47 -3.28
N TRP A 9 -26.54 -4.07 -2.11
CA TRP A 9 -26.40 -3.31 -0.87
C TRP A 9 -24.90 -3.15 -0.67
N VAL A 10 -24.46 -2.17 0.11
CA VAL A 10 -23.03 -1.98 0.33
C VAL A 10 -22.71 -2.47 1.72
N GLY A 11 -21.68 -3.29 1.83
CA GLY A 11 -21.25 -3.85 3.12
C GLY A 11 -20.05 -3.12 3.64
N TYR A 12 -20.05 -2.76 4.93
CA TYR A 12 -18.98 -1.98 5.53
C TYR A 12 -19.05 -2.10 7.05
N ARG A 13 -17.94 -2.54 7.65
CA ARG A 13 -17.84 -2.73 9.11
C ARG A 13 -18.90 -3.73 9.59
N CYS A 14 -19.03 -4.83 8.85
CA CYS A 14 -19.99 -5.88 9.14
C CYS A 14 -21.42 -5.37 9.28
N ASN A 15 -21.74 -4.32 8.53
CA ASN A 15 -23.12 -3.87 8.32
C ASN A 15 -23.42 -3.88 6.83
N CYS A 16 -24.70 -3.76 6.49
CA CYS A 16 -25.13 -3.66 5.10
C CYS A 16 -25.91 -2.37 4.96
N TYR A 17 -25.62 -1.60 3.93
CA TYR A 17 -26.32 -0.36 3.66
C TYR A 17 -26.99 -0.37 2.28
N PHE A 18 -28.16 0.27 2.20
CA PHE A 18 -28.86 0.52 0.95
C PHE A 18 -29.08 2.02 0.82
N ILE A 19 -28.42 2.64 -0.15
CA ILE A 19 -28.53 4.09 -0.37
C ILE A 19 -29.50 4.29 -1.52
N SER A 20 -30.62 4.92 -1.25
CA SER A 20 -31.68 5.05 -2.25
C SER A 20 -31.35 6.10 -3.32
N SER A 21 -31.92 5.91 -4.49
CA SER A 21 -31.98 6.91 -5.55
C SER A 21 -33.39 7.49 -5.61
N GLU A 22 -34.35 6.69 -5.15
CA GLU A 22 -35.76 7.00 -5.09
C GLU A 22 -36.00 7.88 -3.88
N GLN A 23 -36.90 8.85 -4.02
CA GLN A 23 -37.19 9.79 -2.94
C GLN A 23 -38.57 9.55 -2.39
N LYS A 24 -38.66 9.34 -1.09
CA LYS A 24 -39.89 8.98 -0.46
C LYS A 24 -40.05 9.73 0.87
N THR A 25 -41.26 9.67 1.38
CA THR A 25 -41.62 10.31 2.62
C THR A 25 -40.85 9.61 3.74
N TRP A 26 -40.79 10.21 4.91
CA TRP A 26 -40.07 9.61 6.03
C TRP A 26 -40.69 8.27 6.41
N ASN A 27 -42.02 8.25 6.56
CA ASN A 27 -42.75 7.00 6.81
C ASN A 27 -42.69 5.96 5.70
N GLU A 28 -42.78 6.40 4.45
CA GLU A 28 -42.65 5.49 3.31
C GLU A 28 -41.25 4.90 3.32
N SER A 29 -40.25 5.70 3.68
CA SER A 29 -38.86 5.21 3.76
C SER A 29 -38.76 4.18 4.87
N ARG A 30 -39.42 4.49 5.98
CA ARG A 30 -39.42 3.65 7.16
C ARG A 30 -39.97 2.26 6.83
N HIS A 31 -41.01 2.21 6.00
CA HIS A 31 -41.67 0.95 5.65
C HIS A 31 -40.91 0.17 4.57
N LEU A 32 -40.35 0.88 3.59
CA LEU A 32 -39.51 0.25 2.57
C LEU A 32 -38.31 -0.46 3.20
N CYS A 33 -37.62 0.20 4.13
CA CYS A 33 -36.55 -0.47 4.86
C CYS A 33 -37.09 -1.65 5.61
N ALA A 34 -38.24 -1.47 6.27
CA ALA A 34 -38.89 -2.58 6.97
C ALA A 34 -39.28 -3.73 6.01
N SER A 35 -39.68 -3.39 4.78
CA SER A 35 -39.98 -4.42 3.76
C SER A 35 -38.73 -5.17 3.30
N GLN A 36 -37.56 -4.56 3.46
CA GLN A 36 -36.28 -5.22 3.16
C GLN A 36 -35.68 -5.86 4.40
N LYS A 37 -36.47 -5.94 5.47
CA LYS A 37 -36.04 -6.49 6.77
C LYS A 37 -34.84 -5.71 7.30
N SER A 38 -34.95 -4.39 7.31
CA SER A 38 -33.91 -3.54 7.84
C SER A 38 -34.53 -2.30 8.42
N SER A 39 -33.70 -1.45 9.03
CA SER A 39 -34.14 -0.21 9.63
C SER A 39 -33.62 1.01 8.88
N LEU A 40 -34.33 2.11 9.03
CA LEU A 40 -33.86 3.39 8.56
C LEU A 40 -32.61 3.73 9.38
N LEU A 41 -31.59 4.27 8.71
CA LEU A 41 -30.28 4.47 9.31
C LEU A 41 -30.29 4.94 10.76
N GLN A 42 -29.78 4.09 11.65
CA GLN A 42 -29.37 4.49 12.99
C GLN A 42 -27.87 4.78 12.91
N LEU A 43 -27.50 6.01 13.23
CA LEU A 43 -26.10 6.45 13.20
C LEU A 43 -25.51 6.30 14.59
N GLN A 44 -24.46 5.50 14.71
CA GLN A 44 -23.80 5.30 16.00
C GLN A 44 -22.65 6.31 16.14
N ASN A 45 -22.13 6.76 14.99
CA ASN A 45 -21.18 7.89 14.90
C ASN A 45 -20.99 8.26 13.41
N THR A 46 -20.41 9.42 13.14
CA THR A 46 -20.29 9.90 11.76
C THR A 46 -19.35 9.07 10.86
N ASP A 47 -18.33 8.45 11.45
CA ASP A 47 -17.38 7.62 10.68
C ASP A 47 -18.05 6.41 10.01
N GLU A 48 -19.26 6.10 10.47
CA GLU A 48 -20.02 4.98 9.97
C GLU A 48 -20.27 5.02 8.44
N LEU A 49 -20.52 6.22 7.90
CA LEU A 49 -20.67 6.42 6.45
C LEU A 49 -19.48 7.18 5.90
N ASP A 50 -18.29 6.87 6.42
CA ASP A 50 -17.04 7.44 5.90
C ASP A 50 -16.93 7.19 4.40
N PHE A 51 -17.16 5.95 3.97
CA PHE A 51 -17.10 5.58 2.54
C PHE A 51 -17.90 6.49 1.61
N MET A 52 -18.86 7.20 2.17
CA MET A 52 -19.77 8.06 1.43
C MET A 52 -19.65 9.53 1.85
N SER A 53 -18.49 9.91 2.41
CA SER A 53 -18.33 11.24 3.04
C SER A 53 -18.30 12.41 2.05
N SER A 54 -18.10 12.10 0.76
CA SER A 54 -18.09 13.12 -0.27
C SER A 54 -19.50 13.53 -0.70
N SER A 55 -20.51 12.73 -0.38
CA SER A 55 -21.86 13.05 -0.83
C SER A 55 -22.34 14.42 -0.36
N GLN A 56 -23.06 15.10 -1.24
CA GLN A 56 -23.78 16.30 -0.86
C GLN A 56 -25.28 16.06 -1.06
N GLN A 57 -25.73 14.88 -0.62
CA GLN A 57 -27.15 14.49 -0.59
C GLN A 57 -27.59 14.33 0.87
N PHE A 58 -28.81 14.76 1.16
CA PHE A 58 -29.43 14.51 2.45
C PHE A 58 -30.28 13.25 2.32
N TYR A 59 -30.23 12.41 3.36
CA TYR A 59 -30.98 11.18 3.42
C TYR A 59 -31.79 11.14 4.71
N TRP A 60 -33.07 10.79 4.62
CA TRP A 60 -33.84 10.50 5.81
C TRP A 60 -33.09 9.46 6.64
N ILE A 61 -32.96 9.70 7.95
CA ILE A 61 -32.39 8.70 8.87
C ILE A 61 -33.44 8.29 9.91
N GLY A 62 -33.11 7.31 10.75
CA GLY A 62 -34.12 6.69 11.60
C GLY A 62 -34.45 7.37 12.93
N LEU A 63 -34.29 8.69 13.00
CA LEU A 63 -34.48 9.45 14.26
C LEU A 63 -35.79 10.22 14.28
N SER A 64 -36.62 9.96 15.29
CA SER A 64 -37.86 10.73 15.51
C SER A 64 -38.10 11.03 16.98
N TYR A 65 -38.84 12.10 17.25
CA TYR A 65 -39.06 12.58 18.62
C TYR A 65 -40.09 11.73 19.34
N SER A 66 -39.86 11.52 20.64
CA SER A 66 -40.78 10.81 21.52
C SER A 66 -41.29 11.78 22.57
N GLU A 67 -42.59 12.11 22.47
CA GLU A 67 -43.23 12.98 23.45
C GLU A 67 -43.02 12.42 24.85
N GLU A 68 -43.19 11.11 24.99
CA GLU A 68 -43.02 10.43 26.28
C GLU A 68 -41.67 10.63 26.96
N HIS A 69 -40.58 10.46 26.19
CA HIS A 69 -39.23 10.55 26.72
C HIS A 69 -38.68 11.96 26.62
N THR A 70 -39.47 12.88 26.08
CA THR A 70 -39.04 14.26 25.90
C THR A 70 -37.69 14.33 25.16
N ALA A 71 -37.44 13.34 24.28
CA ALA A 71 -36.12 13.15 23.67
C ALA A 71 -36.26 12.55 22.26
N TRP A 72 -35.20 12.70 21.46
CA TRP A 72 -35.14 12.08 20.13
C TRP A 72 -34.57 10.67 20.28
N LEU A 73 -35.20 9.71 19.60
CA LEU A 73 -34.82 8.29 19.69
C LEU A 73 -34.70 7.66 18.32
N TRP A 74 -33.88 6.61 18.22
CA TRP A 74 -33.81 5.81 16.99
C TRP A 74 -35.03 4.86 16.95
N GLU A 75 -35.24 4.23 15.81
CA GLU A 75 -36.40 3.38 15.68
C GLU A 75 -36.38 2.19 16.63
N ASN A 76 -35.19 1.78 17.06
CA ASN A 76 -35.07 0.67 18.00
C ASN A 76 -35.37 1.08 19.45
N GLY A 77 -35.40 2.38 19.69
CA GLY A 77 -35.72 2.91 21.02
C GLY A 77 -34.52 3.47 21.79
N SER A 78 -33.31 3.15 21.36
CA SER A 78 -32.11 3.69 22.00
C SER A 78 -31.98 5.21 21.79
N ALA A 79 -31.38 5.87 22.75
CA ALA A 79 -31.32 7.34 22.76
C ALA A 79 -30.24 7.89 21.83
N LEU A 80 -30.41 9.16 21.44
CA LEU A 80 -29.42 9.91 20.67
C LEU A 80 -28.38 10.41 21.64
N SER A 81 -27.10 10.28 21.29
CA SER A 81 -26.06 10.95 22.03
C SER A 81 -26.12 12.45 21.79
N GLN A 82 -25.77 13.21 22.81
CA GLN A 82 -25.84 14.66 22.73
C GLN A 82 -24.81 15.17 21.73
N TYR A 83 -23.63 14.55 21.73
CA TYR A 83 -22.52 15.02 20.92
C TYR A 83 -22.68 14.66 19.44
N LEU A 84 -23.56 13.70 19.11
CA LEU A 84 -23.73 13.27 17.72
C LEU A 84 -24.16 14.43 16.81
N PHE A 85 -25.29 15.05 17.13
CA PHE A 85 -25.78 16.20 16.42
C PHE A 85 -25.85 17.32 17.47
N PRO A 86 -24.98 18.35 17.36
CA PRO A 86 -24.95 19.39 18.40
C PRO A 86 -26.12 20.41 18.36
N SER A 87 -26.66 20.65 17.17
CA SER A 87 -27.82 21.54 17.02
C SER A 87 -29.14 20.93 17.56
N PHE A 88 -29.11 19.67 18.03
CA PHE A 88 -30.34 18.91 18.33
C PHE A 88 -31.29 19.65 19.26
N GLU A 89 -30.70 20.50 20.09
CA GLU A 89 -31.45 21.47 20.90
C GLU A 89 -32.51 22.19 20.08
N THR A 90 -32.09 22.68 18.91
CA THR A 90 -32.96 23.48 18.05
C THR A 90 -33.80 22.70 17.00
N PHE A 91 -33.73 21.36 16.98
CA PHE A 91 -34.61 20.57 16.11
C PHE A 91 -36.08 20.75 16.48
N ASN A 92 -36.90 21.01 15.47
CA ASN A 92 -38.35 21.15 15.65
C ASN A 92 -38.97 19.76 15.87
N THR A 93 -39.59 19.57 17.04
CA THR A 93 -40.07 18.24 17.49
C THR A 93 -41.18 17.59 16.64
N LYS A 94 -41.88 18.38 15.82
CA LYS A 94 -42.81 17.83 14.82
C LYS A 94 -42.12 17.34 13.53
N ASN A 95 -40.82 17.63 13.36
CA ASN A 95 -40.09 17.27 12.14
C ASN A 95 -39.32 15.97 12.22
N CYS A 96 -38.98 15.43 11.06
CA CYS A 96 -38.08 14.28 10.97
C CYS A 96 -36.68 14.80 10.62
N ILE A 97 -35.65 13.98 10.83
CA ILE A 97 -34.27 14.39 10.58
C ILE A 97 -33.72 13.83 9.25
N ALA A 98 -33.19 14.71 8.41
CA ALA A 98 -32.41 14.32 7.22
C ALA A 98 -30.94 14.55 7.51
N TYR A 99 -30.07 13.78 6.86
CA TYR A 99 -28.64 13.77 7.17
C TYR A 99 -27.79 13.66 5.92
N ASN A 100 -26.75 14.47 5.89
CA ASN A 100 -25.76 14.52 4.84
C ASN A 100 -24.50 13.85 5.36
N PRO A 101 -24.04 12.81 4.67
CA PRO A 101 -22.79 12.14 5.08
C PRO A 101 -21.61 13.08 5.38
N ASN A 102 -21.67 14.32 4.89
CA ASN A 102 -20.80 15.41 5.42
C ASN A 102 -20.62 15.41 6.93
N GLY A 103 -21.70 15.18 7.67
CA GLY A 103 -21.77 15.43 9.10
C GLY A 103 -22.93 16.34 9.51
N ASN A 104 -23.67 16.87 8.53
CA ASN A 104 -24.70 17.86 8.79
C ASN A 104 -26.12 17.27 8.83
N ALA A 105 -26.82 17.47 9.94
CA ALA A 105 -28.22 17.05 10.07
C ALA A 105 -29.14 18.24 9.91
N LEU A 106 -30.29 18.01 9.30
CA LEU A 106 -31.33 19.02 9.19
C LEU A 106 -32.68 18.41 9.57
N ASP A 107 -33.46 19.14 10.35
CA ASP A 107 -34.82 18.72 10.64
C ASP A 107 -35.75 19.23 9.53
N GLU A 108 -36.64 18.37 9.07
CA GLU A 108 -37.49 18.70 7.92
C GLU A 108 -38.86 18.08 8.08
N SER A 109 -39.85 18.68 7.42
CA SER A 109 -41.23 18.18 7.44
C SER A 109 -41.20 16.74 7.00
N CYS A 110 -41.80 15.85 7.78
CA CYS A 110 -41.72 14.42 7.51
C CYS A 110 -42.37 14.05 6.20
N GLU A 111 -43.31 14.88 5.74
CA GLU A 111 -43.97 14.66 4.46
C GLU A 111 -43.15 15.13 3.25
N ASP A 112 -41.95 15.66 3.48
CA ASP A 112 -41.02 15.92 2.37
C ASP A 112 -40.47 14.63 1.82
N LYS A 113 -40.19 14.62 0.53
CA LYS A 113 -39.62 13.44 -0.10
C LYS A 113 -38.12 13.61 -0.13
N ASN A 114 -37.43 12.58 0.33
CA ASN A 114 -35.99 12.55 0.32
C ASN A 114 -35.53 11.15 0.00
N ARG A 115 -34.27 11.04 -0.42
CA ARG A 115 -33.62 9.75 -0.45
C ARG A 115 -33.51 9.26 0.98
N TYR A 116 -33.29 7.96 1.16
CA TYR A 116 -33.22 7.34 2.48
C TYR A 116 -32.12 6.31 2.50
N ILE A 117 -31.61 5.97 3.68
CA ILE A 117 -30.63 4.92 3.83
C ILE A 117 -31.15 3.85 4.79
N CYS A 118 -31.18 2.59 4.37
CA CYS A 118 -31.53 1.48 5.25
C CYS A 118 -30.23 0.83 5.72
N LYS A 119 -30.30 0.17 6.87
CA LYS A 119 -29.14 -0.48 7.47
C LYS A 119 -29.53 -1.75 8.16
N GLN A 120 -28.74 -2.79 7.94
CA GLN A 120 -28.87 -4.04 8.66
C GLN A 120 -27.64 -4.22 9.54
N GLN A 121 -27.87 -4.52 10.81
CA GLN A 121 -26.82 -4.98 11.71
C GLN A 121 -26.51 -6.43 11.43
N LEU A 122 -25.39 -6.91 11.95
CA LEU A 122 -25.07 -8.34 11.93
C LEU A 122 -24.30 -8.75 13.22
N ILE A 123 -25.04 -9.16 14.24
CA ILE A 123 -24.46 -9.94 15.33
C ILE A 123 -25.54 -10.77 16.02
N ALA B 1 -15.21 -4.07 16.34
CA ALA B 1 -14.53 -3.66 15.06
C ALA B 1 -14.38 -4.86 14.13
N ARG B 2 -15.51 -5.46 13.76
CA ARG B 2 -15.56 -6.65 12.91
C ARG B 2 -15.87 -6.29 11.46
N HIS B 3 -15.47 -7.16 10.54
CA HIS B 3 -15.64 -6.91 9.10
C HIS B 3 -15.78 -8.18 8.26
N CYS B 4 -16.49 -8.04 7.14
CA CYS B 4 -16.62 -9.09 6.12
C CYS B 4 -15.22 -9.55 5.71
N GLY B 5 -14.95 -10.83 5.92
CA GLY B 5 -13.62 -11.39 5.70
C GLY B 5 -13.11 -11.24 4.28
N HIS B 6 -14.00 -11.34 3.31
CA HIS B 6 -13.62 -11.35 1.90
C HIS B 6 -12.88 -10.08 1.47
N CYS B 7 -13.16 -8.95 2.12
CA CYS B 7 -12.48 -7.67 1.87
C CYS B 7 -11.65 -7.26 3.08
N PRO B 8 -10.71 -6.30 2.90
CA PRO B 8 -9.93 -5.78 4.03
C PRO B 8 -10.72 -4.93 5.04
N GLU B 9 -10.03 -4.48 6.07
CA GLU B 9 -10.63 -3.93 7.29
C GLU B 9 -11.39 -2.61 7.12
N GLU B 10 -11.05 -1.83 6.10
CA GLU B 10 -11.62 -0.49 5.94
C GLU B 10 -12.22 -0.25 4.54
N TRP B 11 -12.52 -1.35 3.83
CA TRP B 11 -13.02 -1.32 2.45
C TRP B 11 -14.50 -1.64 2.47
N ILE B 12 -15.17 -1.56 1.33
CA ILE B 12 -16.58 -1.92 1.23
C ILE B 12 -16.83 -2.99 0.18
N THR B 13 -17.86 -3.82 0.41
CA THR B 13 -18.33 -4.77 -0.57
C THR B 13 -19.48 -4.12 -1.31
N TYR B 14 -19.69 -4.51 -2.57
CA TYR B 14 -20.87 -4.06 -3.32
C TYR B 14 -21.47 -5.14 -4.22
N SER B 15 -20.79 -5.46 -5.33
CA SER B 15 -21.25 -6.53 -6.19
C SER B 15 -20.08 -7.45 -6.49
N ASN B 16 -19.85 -8.39 -5.58
CA ASN B 16 -18.77 -9.36 -5.69
C ASN B 16 -17.45 -8.71 -6.02
N SER B 17 -17.22 -7.55 -5.42
CA SER B 17 -16.00 -6.80 -5.60
C SER B 17 -15.84 -5.85 -4.41
N CYS B 18 -14.61 -5.70 -3.93
CA CYS B 18 -14.27 -4.79 -2.84
C CYS B 18 -13.92 -3.43 -3.38
N TYR B 19 -14.18 -2.38 -2.60
CA TYR B 19 -13.82 -1.03 -3.01
C TYR B 19 -13.11 -0.30 -1.89
N TYR B 20 -12.18 0.57 -2.29
CA TYR B 20 -11.53 1.51 -1.39
C TYR B 20 -11.87 2.87 -1.94
N ILE B 21 -12.65 3.65 -1.19
CA ILE B 21 -12.90 5.04 -1.54
C ILE B 21 -11.79 5.87 -0.90
N GLY B 22 -10.84 6.29 -1.73
CA GLY B 22 -9.50 6.66 -1.31
C GLY B 22 -9.32 7.92 -0.49
N LYS B 23 -9.96 9.01 -0.92
CA LYS B 23 -9.87 10.36 -0.29
C LYS B 23 -8.50 11.08 -0.33
N GLU B 24 -7.51 10.53 -1.05
CA GLU B 24 -6.24 11.23 -1.29
C GLU B 24 -6.04 11.45 -2.79
N ARG B 25 -5.77 12.69 -3.17
CA ARG B 25 -5.53 13.02 -4.57
C ARG B 25 -4.12 12.60 -5.02
N ARG B 26 -4.03 12.09 -6.24
CA ARG B 26 -2.79 11.53 -6.79
C ARG B 26 -2.76 11.64 -8.31
N THR B 27 -1.57 11.51 -8.89
CA THR B 27 -1.41 11.47 -10.35
C THR B 27 -1.98 10.14 -10.84
N TRP B 28 -2.20 10.00 -12.15
CA TRP B 28 -2.81 8.76 -12.66
C TRP B 28 -1.92 7.55 -12.38
N GLU B 29 -0.65 7.64 -12.77
CA GLU B 29 0.31 6.59 -12.50
C GLU B 29 0.49 6.40 -11.00
N GLU B 30 0.47 7.49 -10.23
CA GLU B 30 0.60 7.41 -8.78
C GLU B 30 -0.58 6.66 -8.16
N SER B 31 -1.76 6.82 -8.76
CA SER B 31 -2.97 6.12 -8.31
C SER B 31 -2.87 4.62 -8.61
N LEU B 32 -2.55 4.32 -9.86
CA LEU B 32 -2.31 2.95 -10.33
C LEU B 32 -1.34 2.20 -9.39
N LEU B 33 -0.16 2.76 -9.17
CA LEU B 33 0.82 2.13 -8.26
C LEU B 33 0.33 2.10 -6.82
N ALA B 34 -0.40 3.13 -6.41
CA ALA B 34 -0.99 3.17 -5.08
C ALA B 34 -1.94 1.98 -4.86
N CYS B 35 -2.85 1.74 -5.79
CA CYS B 35 -3.76 0.60 -5.69
C CYS B 35 -3.04 -0.76 -5.74
N THR B 36 -2.12 -0.93 -6.67
CA THR B 36 -1.39 -2.20 -6.81
C THR B 36 -0.61 -2.53 -5.53
N SER B 37 -0.06 -1.51 -4.90
CA SER B 37 0.58 -1.66 -3.60
C SER B 37 -0.40 -2.23 -2.56
N LYS B 38 -1.64 -1.74 -2.60
CA LYS B 38 -2.70 -2.24 -1.71
C LYS B 38 -3.26 -3.59 -2.16
N ASN B 39 -2.55 -4.29 -3.04
CA ASN B 39 -2.94 -5.63 -3.49
C ASN B 39 -4.28 -5.66 -4.23
N SER B 40 -4.49 -4.63 -5.06
CA SER B 40 -5.64 -4.63 -5.98
C SER B 40 -5.34 -3.69 -7.14
N SER B 41 -6.36 -3.24 -7.83
CA SER B 41 -6.18 -2.49 -9.05
C SER B 41 -6.95 -1.20 -8.98
N LEU B 42 -6.43 -0.17 -9.66
CA LEU B 42 -7.11 1.10 -9.83
C LEU B 42 -8.53 0.84 -10.30
N LEU B 43 -9.44 1.78 -10.03
CA LEU B 43 -10.85 1.56 -10.32
C LEU B 43 -11.07 1.18 -11.77
N SER B 44 -11.74 0.05 -11.96
CA SER B 44 -12.16 -0.38 -13.28
C SER B 44 -13.64 -0.17 -13.30
N ILE B 45 -14.20 0.00 -14.50
CA ILE B 45 -15.62 0.19 -14.66
C ILE B 45 -16.14 -0.93 -15.56
N ASP B 46 -17.17 -1.63 -15.11
CA ASP B 46 -17.70 -2.81 -15.83
C ASP B 46 -18.98 -2.50 -16.60
N ASN B 47 -19.96 -1.96 -15.86
CA ASN B 47 -21.26 -1.60 -16.41
C ASN B 47 -21.44 -0.07 -16.38
N GLU B 48 -22.56 0.40 -16.93
CA GLU B 48 -23.03 1.79 -16.78
C GLU B 48 -23.70 1.97 -15.42
N GLU B 49 -24.21 0.86 -14.89
CA GLU B 49 -24.96 0.84 -13.63
C GLU B 49 -24.01 0.93 -12.43
N GLU B 50 -22.90 0.21 -12.47
CA GLU B 50 -21.84 0.40 -11.50
C GLU B 50 -21.50 1.89 -11.40
N MET B 51 -21.35 2.51 -12.56
CA MET B 51 -20.99 3.92 -12.69
C MET B 51 -21.96 4.78 -11.88
N LYS B 52 -23.25 4.55 -12.08
CA LYS B 52 -24.30 5.31 -11.37
C LYS B 52 -24.21 5.11 -9.86
N PHE B 53 -23.97 3.88 -9.43
CA PHE B 53 -23.76 3.60 -8.02
C PHE B 53 -22.55 4.36 -7.48
N LEU B 54 -21.44 4.25 -8.20
CA LEU B 54 -20.19 4.89 -7.81
C LEU B 54 -20.31 6.43 -7.74
N SER B 55 -21.29 6.97 -8.48
CA SER B 55 -21.54 8.41 -8.51
C SER B 55 -22.30 8.93 -7.28
N ILE B 56 -22.89 8.02 -6.50
CA ILE B 56 -23.52 8.34 -5.22
C ILE B 56 -22.46 8.43 -4.11
N ILE B 57 -21.45 7.58 -4.24
CA ILE B 57 -20.45 7.37 -3.19
C ILE B 57 -19.26 8.33 -3.29
N SER B 58 -18.94 8.80 -4.49
CA SER B 58 -17.81 9.70 -4.70
C SER B 58 -17.88 10.40 -6.05
N PRO B 59 -17.71 11.74 -6.06
CA PRO B 59 -17.91 12.51 -7.30
C PRO B 59 -16.84 12.26 -8.37
N SER B 60 -15.56 12.19 -8.00
CA SER B 60 -14.49 12.09 -9.00
C SER B 60 -13.53 10.93 -8.70
N SER B 61 -13.11 10.22 -9.74
CA SER B 61 -12.04 9.23 -9.63
C SER B 61 -11.38 8.88 -10.94
N TRP B 62 -10.06 8.63 -10.88
CA TRP B 62 -9.33 8.02 -11.97
C TRP B 62 -9.91 6.63 -12.21
N ILE B 63 -9.95 6.20 -13.46
CA ILE B 63 -10.22 4.81 -13.73
C ILE B 63 -9.04 4.26 -14.52
N GLY B 64 -8.85 2.95 -14.49
CA GLY B 64 -7.73 2.32 -15.18
C GLY B 64 -7.91 2.26 -16.68
N VAL B 65 -7.90 3.42 -17.33
CA VAL B 65 -8.08 3.53 -18.79
C VAL B 65 -7.18 4.65 -19.31
N PHE B 66 -6.52 4.44 -20.45
CA PHE B 66 -5.53 5.42 -20.93
C PHE B 66 -5.20 5.40 -22.42
N ARG B 67 -4.49 6.45 -22.85
CA ARG B 67 -3.91 6.54 -24.18
C ARG B 67 -2.45 6.92 -24.08
N ASN B 68 -1.66 6.45 -25.05
CA ASN B 68 -0.29 6.91 -25.25
C ASN B 68 -0.29 8.33 -25.83
N SER B 69 -1.24 8.60 -26.72
CA SER B 69 -1.41 9.92 -27.33
C SER B 69 -2.83 10.17 -27.85
N SER B 70 -3.05 11.42 -28.26
CA SER B 70 -4.37 11.92 -28.67
C SER B 70 -5.20 10.96 -29.50
N HIS B 71 -4.57 10.20 -30.40
CA HIS B 71 -5.31 9.09 -31.00
C HIS B 71 -4.55 7.82 -31.32
N HIS B 72 -4.44 7.03 -30.26
CA HIS B 72 -4.60 5.60 -30.34
C HIS B 72 -5.86 5.39 -29.48
N PRO B 73 -6.54 4.25 -29.61
CA PRO B 73 -7.77 4.06 -28.85
C PRO B 73 -7.58 3.98 -27.35
N TRP B 74 -8.64 4.22 -26.57
CA TRP B 74 -8.57 4.07 -25.11
C TRP B 74 -8.41 2.59 -24.72
N VAL B 75 -7.45 2.33 -23.82
CA VAL B 75 -7.04 0.98 -23.45
C VAL B 75 -7.22 0.80 -21.95
N THR B 76 -7.64 -0.40 -21.54
CA THR B 76 -7.71 -0.74 -20.11
C THR B 76 -6.37 -1.26 -19.60
N MET B 77 -6.28 -1.50 -18.31
CA MET B 77 -5.09 -2.13 -17.72
C MET B 77 -5.14 -3.66 -17.83
N ASN B 78 -6.29 -4.21 -18.24
CA ASN B 78 -6.37 -5.62 -18.62
C ASN B 78 -5.96 -5.87 -20.08
N GLY B 79 -5.57 -4.81 -20.79
CA GLY B 79 -5.11 -4.93 -22.17
C GLY B 79 -6.21 -5.05 -23.21
N LEU B 80 -7.34 -4.41 -22.95
CA LEU B 80 -8.51 -4.47 -23.83
C LEU B 80 -8.93 -3.07 -24.28
N ALA B 81 -9.73 -3.02 -25.35
CA ALA B 81 -10.32 -1.76 -25.81
C ALA B 81 -11.48 -1.37 -24.91
N PHE B 82 -11.46 -0.13 -24.42
CA PHE B 82 -12.49 0.36 -23.49
C PHE B 82 -13.75 0.76 -24.25
N LYS B 83 -14.82 -0.02 -24.08
CA LYS B 83 -16.00 0.10 -24.94
C LYS B 83 -17.02 1.16 -24.51
N HIS B 84 -16.77 1.87 -23.42
CA HIS B 84 -17.61 3.02 -23.03
C HIS B 84 -17.00 4.32 -23.55
N GLU B 85 -17.85 5.20 -24.06
CA GLU B 85 -17.39 6.46 -24.62
C GLU B 85 -16.88 7.34 -23.48
N ILE B 86 -15.80 8.07 -23.73
CA ILE B 86 -15.23 9.00 -22.76
C ILE B 86 -15.07 10.38 -23.43
N LYS B 87 -15.48 11.43 -22.71
CA LYS B 87 -15.51 12.78 -23.24
C LYS B 87 -14.12 13.36 -23.43
N ALA B 92 -7.39 18.71 -25.31
CA ALA B 92 -6.09 19.16 -25.75
C ALA B 92 -5.03 18.08 -25.52
N GLU B 93 -4.57 17.93 -24.28
CA GLU B 93 -3.48 16.98 -23.96
C GLU B 93 -3.90 15.97 -22.91
N LEU B 94 -5.11 15.43 -23.07
CA LEU B 94 -5.72 14.57 -22.06
C LEU B 94 -5.62 13.12 -22.51
N ASN B 95 -4.83 12.32 -21.81
CA ASN B 95 -4.58 10.93 -22.21
C ASN B 95 -4.91 9.86 -21.15
N CYS B 96 -5.58 10.26 -20.07
CA CYS B 96 -5.99 9.36 -19.00
C CYS B 96 -7.45 9.63 -18.65
N ALA B 97 -8.19 8.58 -18.29
CA ALA B 97 -9.62 8.72 -18.03
C ALA B 97 -9.94 8.92 -16.55
N VAL B 98 -10.99 9.68 -16.28
CA VAL B 98 -11.51 9.91 -14.93
C VAL B 98 -13.03 9.82 -14.97
N LEU B 99 -13.61 9.19 -13.95
CA LEU B 99 -15.06 9.18 -13.76
C LEU B 99 -15.44 10.35 -12.85
N GLN B 100 -16.21 11.30 -13.38
CA GLN B 100 -16.69 12.48 -12.63
C GLN B 100 -18.20 12.65 -12.72
N VAL B 101 -18.90 12.37 -11.61
CA VAL B 101 -20.39 12.34 -11.55
C VAL B 101 -21.07 11.71 -12.77
N ASN B 102 -21.14 10.38 -12.74
CA ASN B 102 -21.78 9.57 -13.80
C ASN B 102 -21.42 9.95 -15.23
N ARG B 103 -20.18 10.39 -15.44
CA ARG B 103 -19.64 10.53 -16.79
C ARG B 103 -18.14 10.24 -16.85
N LEU B 104 -17.72 9.71 -18.00
CA LEU B 104 -16.32 9.38 -18.24
C LEU B 104 -15.64 10.56 -18.93
N LYS B 105 -14.67 11.15 -18.25
CA LYS B 105 -14.03 12.40 -18.68
C LYS B 105 -12.57 12.17 -19.01
N SER B 106 -12.06 12.88 -20.01
CA SER B 106 -10.64 12.85 -20.33
C SER B 106 -9.95 13.86 -19.41
N ALA B 107 -8.79 13.52 -18.88
CA ALA B 107 -8.06 14.43 -18.00
C ALA B 107 -6.56 14.32 -18.15
N GLN B 108 -5.86 15.43 -17.87
CA GLN B 108 -4.40 15.48 -17.94
C GLN B 108 -3.82 14.54 -16.88
N CYS B 109 -3.00 13.59 -17.32
CA CYS B 109 -2.51 12.51 -16.46
C CYS B 109 -1.74 13.00 -15.24
N GLY B 110 -1.15 14.19 -15.34
CA GLY B 110 -0.43 14.80 -14.22
C GLY B 110 -1.28 15.56 -13.20
N SER B 111 -2.59 15.63 -13.43
CA SER B 111 -3.49 16.25 -12.47
C SER B 111 -3.54 15.39 -11.22
N SER B 112 -3.57 16.03 -10.05
CA SER B 112 -3.84 15.27 -8.84
C SER B 112 -5.35 15.13 -8.72
N ILE B 113 -5.81 13.89 -8.68
CA ILE B 113 -7.23 13.57 -8.56
C ILE B 113 -7.41 12.38 -7.62
N ILE B 114 -8.57 12.32 -6.95
CA ILE B 114 -8.96 11.19 -6.10
C ILE B 114 -8.89 9.91 -6.92
N TYR B 115 -8.53 8.81 -6.26
CA TYR B 115 -8.51 7.49 -6.89
C TYR B 115 -9.14 6.46 -5.98
N HIS B 116 -9.89 5.53 -6.57
CA HIS B 116 -10.40 4.36 -5.88
C HIS B 116 -9.75 3.08 -6.39
N CYS B 117 -9.79 2.04 -5.58
CA CYS B 117 -9.27 0.72 -5.93
C CYS B 117 -10.39 -0.34 -5.92
N LYS B 118 -10.25 -1.40 -6.71
CA LYS B 118 -11.30 -2.40 -6.87
C LYS B 118 -10.76 -3.83 -7.10
N HIS B 119 -11.42 -4.82 -6.50
CA HIS B 119 -10.98 -6.22 -6.50
C HIS B 119 -11.76 -7.05 -7.48
N LYS B 120 -11.07 -7.99 -8.10
CA LYS B 120 -11.72 -8.95 -9.00
C LYS B 120 -12.64 -9.90 -8.23
N CYS C 2 11.59 -21.49 7.46
CA CYS C 2 12.04 -20.32 6.63
C CYS C 2 12.65 -19.19 7.46
N CYS C 3 12.17 -19.00 8.68
CA CYS C 3 12.68 -17.94 9.56
C CYS C 3 13.80 -18.45 10.47
N SER C 4 14.84 -18.97 9.84
CA SER C 4 16.08 -19.37 10.51
C SER C 4 17.03 -18.15 10.51
N CYS C 5 18.28 -18.31 10.06
CA CYS C 5 19.16 -17.18 9.66
C CYS C 5 19.88 -16.45 10.77
N GLN C 6 20.53 -17.16 11.68
CA GLN C 6 21.30 -16.52 12.76
C GLN C 6 20.71 -15.16 13.18
N GLU C 7 21.44 -14.42 14.00
CA GLU C 7 21.15 -12.99 14.16
C GLU C 7 22.05 -12.29 13.15
N LYS C 8 21.48 -11.29 12.47
CA LYS C 8 22.24 -10.46 11.53
C LYS C 8 22.68 -11.14 10.21
N TRP C 9 22.02 -12.23 9.86
CA TRP C 9 21.96 -12.66 8.45
C TRP C 9 20.67 -12.07 7.89
N VAL C 10 20.56 -11.93 6.57
CA VAL C 10 19.34 -11.37 6.00
C VAL C 10 18.56 -12.51 5.38
N GLY C 11 17.27 -12.59 5.71
CA GLY C 11 16.40 -13.63 5.17
C GLY C 11 15.57 -13.09 4.04
N TYR C 12 15.43 -13.87 2.96
CA TYR C 12 14.71 -13.42 1.76
C TYR C 12 14.40 -14.62 0.87
N ARG C 13 13.13 -14.82 0.56
CA ARG C 13 12.66 -15.94 -0.27
C ARG C 13 13.05 -17.29 0.36
N CYS C 14 12.86 -17.38 1.67
CA CYS C 14 13.20 -18.56 2.45
C CYS C 14 14.65 -19.01 2.28
N ASN C 15 15.54 -18.04 2.08
CA ASN C 15 16.99 -18.25 2.17
C ASN C 15 17.56 -17.29 3.21
N CYS C 16 18.81 -17.52 3.60
CA CYS C 16 19.50 -16.64 4.52
C CYS C 16 20.79 -16.20 3.87
N TYR C 17 21.06 -14.89 3.92
CA TYR C 17 22.26 -14.34 3.31
C TYR C 17 23.13 -13.64 4.34
N PHE C 18 24.44 -13.74 4.16
CA PHE C 18 25.41 -13.00 4.96
C PHE C 18 26.29 -12.22 4.01
N ILE C 19 26.19 -10.89 4.06
CA ILE C 19 26.95 -10.00 3.16
C ILE C 19 28.10 -9.47 3.96
N SER C 20 29.31 -9.80 3.53
CA SER C 20 30.50 -9.47 4.33
C SER C 20 30.89 -8.00 4.19
N SER C 21 31.51 -7.48 5.24
CA SER C 21 32.22 -6.20 5.19
C SER C 21 33.72 -6.45 5.11
N GLU C 22 34.12 -7.62 5.59
CA GLU C 22 35.48 -8.13 5.60
C GLU C 22 35.83 -8.64 4.21
N GLN C 23 37.07 -8.41 3.78
CA GLN C 23 37.50 -8.83 2.46
C GLN C 23 38.51 -9.94 2.56
N LYS C 24 38.21 -11.04 1.88
CA LYS C 24 39.02 -12.23 1.98
C LYS C 24 39.22 -12.87 0.61
N THR C 25 40.18 -13.78 0.56
CA THR C 25 40.54 -14.51 -0.63
C THR C 25 39.32 -15.38 -0.99
N TRP C 26 39.28 -15.89 -2.22
CA TRP C 26 38.16 -16.69 -2.68
C TRP C 26 38.05 -17.96 -1.81
N ASN C 27 39.18 -18.64 -1.61
CA ASN C 27 39.22 -19.80 -0.72
C ASN C 27 38.93 -19.51 0.74
N GLU C 28 39.46 -18.41 1.25
CA GLU C 28 39.20 -18.01 2.63
C GLU C 28 37.72 -17.72 2.80
N SER C 29 37.10 -17.14 1.77
CA SER C 29 35.66 -16.87 1.79
C SER C 29 34.91 -18.20 1.79
N ARG C 30 35.39 -19.10 0.94
CA ARG C 30 34.79 -20.42 0.80
C ARG C 30 34.77 -21.18 2.12
N HIS C 31 35.81 -21.01 2.92
CA HIS C 31 35.92 -21.71 4.20
C HIS C 31 35.13 -21.03 5.31
N LEU C 32 35.12 -19.70 5.32
CA LEU C 32 34.34 -18.93 6.29
C LEU C 32 32.85 -19.26 6.16
N CYS C 33 32.33 -19.27 4.94
CA CYS C 33 30.95 -19.69 4.72
C CYS C 33 30.77 -21.12 5.18
N ALA C 34 31.71 -21.99 4.85
CA ALA C 34 31.66 -23.37 5.34
C ALA C 34 31.71 -23.44 6.88
N SER C 35 32.45 -22.54 7.53
CA SER C 35 32.49 -22.48 9.00
C SER C 35 31.15 -22.01 9.61
N GLN C 36 30.37 -21.28 8.82
CA GLN C 36 29.03 -20.87 9.23
C GLN C 36 27.98 -21.87 8.77
N LYS C 37 28.42 -23.04 8.30
CA LYS C 37 27.54 -24.07 7.74
C LYS C 37 26.70 -23.53 6.60
N SER C 38 27.36 -22.90 5.65
CA SER C 38 26.70 -22.36 4.46
C SER C 38 27.66 -22.40 3.28
N SER C 39 27.16 -22.01 2.11
CA SER C 39 27.96 -21.98 0.90
C SER C 39 28.19 -20.56 0.39
N LEU C 40 29.27 -20.39 -0.37
CA LEU C 40 29.51 -19.17 -1.09
C LEU C 40 28.38 -19.05 -2.12
N LEU C 41 27.86 -17.84 -2.28
CA LEU C 41 26.66 -17.61 -3.06
C LEU C 41 26.59 -18.41 -4.36
N GLN C 42 25.62 -19.31 -4.42
CA GLN C 42 25.14 -19.89 -5.68
C GLN C 42 23.98 -19.04 -6.16
N LEU C 43 24.11 -18.45 -7.35
CA LEU C 43 23.07 -17.60 -7.93
C LEU C 43 22.20 -18.43 -8.85
N GLN C 44 20.90 -18.50 -8.55
CA GLN C 44 19.95 -19.25 -9.39
C GLN C 44 19.34 -18.31 -10.46
N ASN C 45 19.31 -17.01 -10.14
CA ASN C 45 18.99 -15.93 -11.09
C ASN C 45 19.27 -14.57 -10.43
N THR C 46 19.32 -13.50 -11.21
CA THR C 46 19.72 -12.18 -10.68
C THR C 46 18.71 -11.56 -9.69
N ASP C 47 17.43 -11.88 -9.83
CA ASP C 47 16.40 -11.37 -8.91
C ASP C 47 16.60 -11.82 -7.47
N GLU C 48 17.44 -12.84 -7.29
CA GLU C 48 17.74 -13.40 -5.98
C GLU C 48 18.31 -12.38 -4.97
N LEU C 49 19.13 -11.44 -5.45
CA LEU C 49 19.65 -10.35 -4.62
C LEU C 49 19.05 -9.01 -5.05
N ASP C 50 17.75 -9.04 -5.38
CA ASP C 50 17.00 -7.82 -5.73
C ASP C 50 17.08 -6.81 -4.59
N PHE C 51 16.85 -7.26 -3.37
CA PHE C 51 16.94 -6.39 -2.18
C PHE C 51 18.23 -5.57 -2.05
N MET C 52 19.26 -6.01 -2.75
CA MET C 52 20.59 -5.40 -2.69
C MET C 52 21.00 -4.87 -4.07
N SER C 53 20.03 -4.59 -4.95
CA SER C 53 20.33 -4.27 -6.36
C SER C 53 21.01 -2.92 -6.55
N SER C 54 20.95 -2.07 -5.54
CA SER C 54 21.61 -0.77 -5.61
C SER C 54 23.11 -0.84 -5.33
N SER C 55 23.61 -1.94 -4.79
CA SER C 55 25.02 -2.02 -4.43
C SER C 55 25.92 -1.82 -5.62
N GLN C 56 27.04 -1.13 -5.40
CA GLN C 56 28.10 -1.09 -6.38
C GLN C 56 29.37 -1.70 -5.76
N GLN C 57 29.17 -2.85 -5.10
CA GLN C 57 30.23 -3.68 -4.56
C GLN C 57 30.26 -5.03 -5.31
N PHE C 58 31.45 -5.54 -5.56
CA PHE C 58 31.63 -6.88 -6.08
C PHE C 58 31.87 -7.82 -4.91
N TYR C 59 31.25 -9.00 -5.00
CA TYR C 59 31.36 -10.05 -3.98
C TYR C 59 31.79 -11.35 -4.63
N TRP C 60 32.78 -12.02 -4.05
CA TRP C 60 33.09 -13.37 -4.46
C TRP C 60 31.80 -14.21 -4.40
N ILE C 61 31.53 -14.97 -5.46
CA ILE C 61 30.42 -15.94 -5.44
C ILE C 61 30.96 -17.37 -5.60
N GLY C 62 30.09 -18.37 -5.50
CA GLY C 62 30.53 -19.76 -5.40
C GLY C 62 30.86 -20.51 -6.69
N LEU C 63 31.23 -19.78 -7.75
CA LEU C 63 31.46 -20.36 -9.07
C LEU C 63 32.95 -20.55 -9.37
N SER C 64 33.36 -21.78 -9.66
CA SER C 64 34.74 -22.05 -10.12
C SER C 64 34.78 -23.05 -11.27
N TYR C 65 35.85 -23.00 -12.07
CA TYR C 65 35.96 -23.84 -13.27
C TYR C 65 36.35 -25.26 -12.93
N SER C 66 35.82 -26.22 -13.67
CA SER C 66 36.15 -27.64 -13.51
C SER C 66 36.80 -28.11 -14.79
N GLU C 67 38.09 -28.42 -14.72
CA GLU C 67 38.83 -28.93 -15.86
C GLU C 67 38.11 -30.16 -16.41
N GLU C 68 37.66 -31.04 -15.52
CA GLU C 68 36.96 -32.27 -15.89
C GLU C 68 35.71 -32.09 -16.76
N HIS C 69 34.85 -31.16 -16.36
CA HIS C 69 33.58 -30.90 -17.05
C HIS C 69 33.72 -29.84 -18.14
N THR C 70 34.93 -29.31 -18.29
CA THR C 70 35.19 -28.24 -19.26
C THR C 70 34.17 -27.09 -19.09
N ALA C 71 33.70 -26.87 -17.86
CA ALA C 71 32.59 -25.95 -17.57
C ALA C 71 32.75 -25.30 -16.21
N TRP C 72 32.06 -24.18 -16.01
CA TRP C 72 32.00 -23.51 -14.70
C TRP C 72 30.86 -24.11 -13.89
N LEU C 73 31.14 -24.43 -12.62
CA LEU C 73 30.17 -25.08 -11.74
C LEU C 73 30.08 -24.35 -10.40
N TRP C 74 28.93 -24.49 -9.72
CA TRP C 74 28.78 -24.01 -8.35
C TRP C 74 29.45 -24.99 -7.39
N GLU C 75 29.61 -24.59 -6.15
CA GLU C 75 30.29 -25.47 -5.21
C GLU C 75 29.55 -26.78 -4.95
N ASN C 76 28.24 -26.80 -5.17
CA ASN C 76 27.46 -28.02 -5.00
C ASN C 76 27.59 -28.98 -6.18
N GLY C 77 28.14 -28.47 -7.29
CA GLY C 77 28.38 -29.29 -8.48
C GLY C 77 27.43 -29.03 -9.63
N SER C 78 26.31 -28.38 -9.37
CA SER C 78 25.35 -28.05 -10.43
C SER C 78 25.94 -27.04 -11.44
N ALA C 79 25.49 -27.13 -12.68
CA ALA C 79 26.06 -26.34 -13.77
C ALA C 79 25.55 -24.91 -13.77
N LEU C 80 26.33 -24.02 -14.39
CA LEU C 80 25.93 -22.63 -14.64
C LEU C 80 25.01 -22.65 -15.84
N SER C 81 23.92 -21.88 -15.79
CA SER C 81 23.14 -21.60 -16.99
C SER C 81 23.91 -20.65 -17.90
N GLN C 82 23.72 -20.84 -19.21
CA GLN C 82 24.42 -20.03 -20.20
C GLN C 82 23.92 -18.59 -20.13
N TYR C 83 22.62 -18.42 -19.93
CA TYR C 83 22.01 -17.10 -19.95
C TYR C 83 22.28 -16.27 -18.68
N LEU C 84 22.71 -16.93 -17.59
CA LEU C 84 22.96 -16.21 -16.33
C LEU C 84 24.02 -15.13 -16.48
N PHE C 85 25.22 -15.52 -16.91
CA PHE C 85 26.29 -14.59 -17.21
C PHE C 85 26.63 -14.81 -18.69
N PRO C 86 26.34 -13.81 -19.55
CA PRO C 86 26.54 -13.99 -21.00
C PRO C 86 28.02 -13.93 -21.46
N SER C 87 28.85 -13.15 -20.75
CA SER C 87 30.28 -13.08 -21.06
C SER C 87 31.08 -14.35 -20.69
N PHE C 88 30.41 -15.35 -20.09
CA PHE C 88 31.10 -16.51 -19.47
C PHE C 88 32.07 -17.20 -20.43
N GLU C 89 31.76 -17.11 -21.72
CA GLU C 89 32.65 -17.50 -22.80
C GLU C 89 34.07 -16.97 -22.58
N THR C 90 34.15 -15.69 -22.25
CA THR C 90 35.43 -15.00 -22.09
C THR C 90 36.05 -15.03 -20.67
N PHE C 91 35.39 -15.68 -19.69
CA PHE C 91 36.00 -15.86 -18.36
C PHE C 91 37.31 -16.64 -18.43
N ASN C 92 38.34 -16.13 -17.79
CA ASN C 92 39.63 -16.81 -17.69
C ASN C 92 39.54 -17.99 -16.71
N THR C 93 39.74 -19.21 -17.21
CA THR C 93 39.50 -20.44 -16.44
C THR C 93 40.36 -20.64 -15.17
N LYS C 94 41.50 -19.95 -15.07
CA LYS C 94 42.31 -19.91 -13.83
C LYS C 94 41.77 -18.94 -12.78
N ASN C 95 40.81 -18.08 -13.14
CA ASN C 95 40.26 -17.07 -12.21
C ASN C 95 39.01 -17.52 -11.49
N CYS C 96 38.68 -16.79 -10.43
CA CYS C 96 37.41 -16.93 -9.72
C CYS C 96 36.48 -15.78 -10.12
N ILE C 97 35.17 -15.95 -9.90
CA ILE C 97 34.19 -14.95 -10.32
C ILE C 97 33.76 -14.06 -9.16
N ALA C 98 33.85 -12.74 -9.35
CA ALA C 98 33.21 -11.76 -8.45
C ALA C 98 31.94 -11.22 -9.11
N TYR C 99 30.99 -10.77 -8.30
CA TYR C 99 29.67 -10.38 -8.78
C TYR C 99 29.10 -9.16 -8.07
N ASN C 100 28.57 -8.24 -8.87
CA ASN C 100 27.93 -7.04 -8.42
C ASN C 100 26.42 -7.23 -8.52
N PRO C 101 25.71 -7.10 -7.40
CA PRO C 101 24.25 -7.22 -7.43
C PRO C 101 23.54 -6.42 -8.54
N ASN C 102 24.23 -5.45 -9.14
CA ASN C 102 23.83 -4.87 -10.46
C ASN C 102 23.36 -5.88 -11.50
N GLY C 103 24.07 -7.00 -11.58
CA GLY C 103 23.93 -7.95 -12.68
C GLY C 103 25.27 -8.24 -13.38
N ASN C 104 26.34 -7.55 -12.98
CA ASN C 104 27.61 -7.68 -13.66
C ASN C 104 28.56 -8.62 -12.93
N ALA C 105 29.07 -9.62 -13.66
CA ALA C 105 30.10 -10.53 -13.15
C ALA C 105 31.45 -10.19 -13.74
N LEU C 106 32.49 -10.39 -12.95
CA LEU C 106 33.87 -10.22 -13.40
C LEU C 106 34.69 -11.40 -12.92
N ASP C 107 35.54 -11.91 -13.80
CA ASP C 107 36.50 -12.93 -13.39
C ASP C 107 37.75 -12.24 -12.86
N GLU C 108 38.29 -12.74 -11.75
CA GLU C 108 39.40 -12.11 -11.06
C GLU C 108 40.32 -13.13 -10.42
N SER C 109 41.58 -12.75 -10.23
CA SER C 109 42.55 -13.63 -9.59
C SER C 109 41.97 -14.09 -8.26
N CYS C 110 41.98 -15.39 -8.01
CA CYS C 110 41.38 -15.93 -6.80
C CYS C 110 42.06 -15.45 -5.54
N GLU C 111 43.33 -15.07 -5.65
CA GLU C 111 44.07 -14.53 -4.52
C GLU C 111 43.80 -13.04 -4.23
N ASP C 112 42.91 -12.41 -5.01
CA ASP C 112 42.45 -11.06 -4.68
C ASP C 112 41.52 -11.13 -3.48
N LYS C 113 41.53 -10.06 -2.69
CA LYS C 113 40.65 -9.97 -1.55
C LYS C 113 39.39 -9.23 -1.97
N ASN C 114 38.26 -9.82 -1.65
CA ASN C 114 36.97 -9.21 -1.91
C ASN C 114 36.04 -9.53 -0.79
N ARG C 115 34.98 -8.74 -0.68
CA ARG C 115 33.86 -9.11 0.14
C ARG C 115 33.26 -10.39 -0.45
N TYR C 116 32.48 -11.10 0.34
CA TYR C 116 31.88 -12.36 -0.08
C TYR C 116 30.44 -12.45 0.43
N ILE C 117 29.62 -13.28 -0.22
CA ILE C 117 28.27 -13.53 0.25
C ILE C 117 28.07 -15.03 0.52
N CYS C 118 27.63 -15.40 1.72
CA CYS C 118 27.29 -16.78 2.02
C CYS C 118 25.79 -16.92 1.91
N LYS C 119 25.33 -18.14 1.65
CA LYS C 119 23.92 -18.42 1.48
C LYS C 119 23.58 -19.77 2.05
N GLN C 120 22.46 -19.82 2.78
CA GLN C 120 21.90 -21.06 3.24
C GLN C 120 20.57 -21.27 2.56
N GLN C 121 20.37 -22.45 2.00
CA GLN C 121 19.07 -22.90 1.53
C GLN C 121 18.23 -23.32 2.71
N LEU C 122 16.93 -23.48 2.49
CA LEU C 122 16.04 -24.08 3.49
C LEU C 122 14.96 -24.90 2.76
N ILE C 123 15.29 -26.15 2.45
CA ILE C 123 14.32 -27.15 1.95
C ILE C 123 14.87 -28.55 2.22
N ALA D 1 8.32 -20.65 -4.60
CA ALA D 1 8.15 -19.22 -4.22
C ALA D 1 7.69 -19.11 -2.77
N ARG D 2 8.51 -19.66 -1.85
CA ARG D 2 8.20 -19.69 -0.42
C ARG D 2 8.93 -18.57 0.33
N HIS D 3 8.38 -18.19 1.49
CA HIS D 3 8.94 -17.09 2.28
C HIS D 3 8.70 -17.21 3.79
N CYS D 4 9.62 -16.64 4.56
CA CYS D 4 9.48 -16.51 6.01
C CYS D 4 8.14 -15.85 6.32
N GLY D 5 7.30 -16.56 7.07
CA GLY D 5 5.93 -16.13 7.35
C GLY D 5 5.83 -14.80 8.08
N HIS D 6 6.79 -14.53 8.97
CA HIS D 6 6.75 -13.34 9.81
C HIS D 6 6.71 -12.02 9.01
N CYS D 7 7.33 -12.03 7.82
CA CYS D 7 7.32 -10.86 6.93
C CYS D 7 6.54 -11.16 5.65
N PRO D 8 6.17 -10.12 4.89
CA PRO D 8 5.47 -10.32 3.60
C PRO D 8 6.32 -10.97 2.49
N GLU D 9 5.68 -11.16 1.34
CA GLU D 9 6.19 -12.02 0.27
C GLU D 9 7.47 -11.52 -0.42
N GLU D 10 7.71 -10.21 -0.39
CA GLU D 10 8.83 -9.63 -1.14
C GLU D 10 9.76 -8.75 -0.27
N TRP D 11 9.71 -8.95 1.05
CA TRP D 11 10.43 -8.14 2.03
C TRP D 11 11.58 -8.98 2.54
N ILE D 12 12.44 -8.39 3.38
CA ILE D 12 13.55 -9.13 3.99
C ILE D 12 13.51 -9.04 5.50
N THR D 13 14.02 -10.08 6.15
CA THR D 13 14.22 -10.08 7.60
C THR D 13 15.67 -9.70 7.85
N TYR D 14 15.94 -9.08 9.00
CA TYR D 14 17.31 -8.80 9.40
C TYR D 14 17.54 -8.98 10.91
N SER D 15 17.05 -8.04 11.72
CA SER D 15 17.17 -8.18 13.16
C SER D 15 15.81 -7.94 13.79
N ASN D 16 15.02 -9.01 13.84
CA ASN D 16 13.67 -8.98 14.40
C ASN D 16 12.85 -7.82 13.86
N SER D 17 13.04 -7.55 12.57
CA SER D 17 12.32 -6.48 11.89
C SER D 17 12.36 -6.77 10.39
N CYS D 18 11.24 -6.50 9.72
CA CYS D 18 11.11 -6.69 8.28
C CYS D 18 11.51 -5.40 7.57
N TYR D 19 12.00 -5.54 6.34
CA TYR D 19 12.36 -4.37 5.55
C TYR D 19 11.80 -4.47 4.13
N TYR D 20 11.44 -3.32 3.58
CA TYR D 20 11.11 -3.19 2.18
C TYR D 20 12.11 -2.21 1.61
N ILE D 21 13.00 -2.68 0.74
CA ILE D 21 13.88 -1.79 -0.01
C ILE D 21 13.12 -1.35 -1.26
N GLY D 22 12.66 -0.10 -1.23
CA GLY D 22 11.54 0.37 -2.05
C GLY D 22 11.77 0.53 -3.53
N LYS D 23 12.89 1.15 -3.91
CA LYS D 23 13.25 1.44 -5.33
C LYS D 23 12.35 2.45 -6.11
N GLU D 24 11.40 3.11 -5.43
CA GLU D 24 10.63 4.21 -6.05
C GLU D 24 10.85 5.51 -5.28
N ARG D 25 11.25 6.57 -5.98
CA ARG D 25 11.47 7.86 -5.34
C ARG D 25 10.14 8.57 -5.03
N ARG D 26 10.09 9.22 -3.86
CA ARG D 26 8.88 9.85 -3.36
C ARG D 26 9.21 11.03 -2.45
N THR D 27 8.23 11.90 -2.22
CA THR D 27 8.36 13.01 -1.27
C THR D 27 8.41 12.41 0.14
N TRP D 28 8.80 13.20 1.14
CA TRP D 28 8.90 12.65 2.50
C TRP D 28 7.53 12.19 3.01
N GLU D 29 6.54 13.07 2.93
CA GLU D 29 5.19 12.72 3.33
C GLU D 29 4.63 11.62 2.45
N GLU D 30 4.99 11.61 1.17
CA GLU D 30 4.53 10.57 0.26
C GLU D 30 5.12 9.21 0.65
N SER D 31 6.34 9.22 1.15
CA SER D 31 7.02 8.01 1.61
C SER D 31 6.36 7.48 2.88
N LEU D 32 6.19 8.38 3.84
CA LEU D 32 5.48 8.08 5.09
C LEU D 32 4.13 7.40 4.82
N LEU D 33 3.28 8.04 4.03
CA LEU D 33 1.95 7.48 3.71
C LEU D 33 2.05 6.20 2.88
N ALA D 34 3.08 6.12 2.03
CA ALA D 34 3.32 4.93 1.25
C ALA D 34 3.59 3.72 2.16
N CYS D 35 4.51 3.87 3.12
CA CYS D 35 4.79 2.80 4.07
C CYS D 35 3.57 2.44 4.93
N THR D 36 2.88 3.43 5.50
CA THR D 36 1.72 3.15 6.36
C THR D 36 0.64 2.39 5.60
N SER D 37 0.46 2.71 4.33
CA SER D 37 -0.44 1.96 3.47
C SER D 37 -0.04 0.48 3.42
N LYS D 38 1.27 0.23 3.32
CA LYS D 38 1.80 -1.15 3.32
C LYS D 38 1.82 -1.78 4.71
N ASN D 39 1.07 -1.19 5.65
CA ASN D 39 0.92 -1.74 7.01
C ASN D 39 2.24 -1.80 7.77
N SER D 40 3.05 -0.75 7.62
CA SER D 40 4.23 -0.56 8.44
C SER D 40 4.62 0.91 8.48
N SER D 41 5.86 1.21 8.81
CA SER D 41 6.27 2.57 9.02
C SER D 41 7.48 2.87 8.18
N LEU D 42 7.61 4.14 7.77
CA LEU D 42 8.79 4.65 7.11
C LEU D 42 10.02 4.25 7.90
N LEU D 43 11.16 4.14 7.22
CA LEU D 43 12.37 3.62 7.84
C LEU D 43 12.68 4.38 9.12
N SER D 44 12.85 3.64 10.20
CA SER D 44 13.30 4.19 11.46
C SER D 44 14.69 3.66 11.65
N ILE D 45 15.51 4.38 12.41
CA ILE D 45 16.87 3.97 12.67
C ILE D 45 17.04 3.83 14.17
N ASP D 46 17.52 2.66 14.61
CA ASP D 46 17.63 2.34 16.04
C ASP D 46 19.05 2.51 16.58
N ASN D 47 19.99 1.85 15.92
CA ASN D 47 21.41 1.88 16.27
C ASN D 47 22.21 2.60 15.18
N GLU D 48 23.51 2.77 15.42
CA GLU D 48 24.50 3.20 14.41
C GLU D 48 24.90 2.02 13.52
N GLU D 49 24.76 0.81 14.09
CA GLU D 49 25.14 -0.44 13.44
C GLU D 49 24.10 -0.86 12.38
N GLU D 50 22.82 -0.73 12.71
CA GLU D 50 21.76 -0.87 11.71
C GLU D 50 22.08 0.00 10.51
N MET D 51 22.47 1.23 10.78
CA MET D 51 22.79 2.22 9.76
C MET D 51 23.85 1.67 8.81
N LYS D 52 24.94 1.14 9.37
CA LYS D 52 26.03 0.58 8.56
C LYS D 52 25.54 -0.60 7.70
N PHE D 53 24.71 -1.45 8.27
CA PHE D 53 24.12 -2.55 7.51
C PHE D 53 23.27 -2.04 6.35
N LEU D 54 22.40 -1.08 6.66
CA LEU D 54 21.50 -0.47 5.69
C LEU D 54 22.27 0.24 4.56
N SER D 55 23.50 0.65 4.84
CA SER D 55 24.34 1.34 3.86
C SER D 55 24.99 0.39 2.84
N ILE D 56 24.95 -0.92 3.11
CA ILE D 56 25.39 -1.95 2.16
C ILE D 56 24.28 -2.27 1.16
N ILE D 57 23.05 -2.18 1.64
CA ILE D 57 21.86 -2.62 0.91
C ILE D 57 21.23 -1.52 0.04
N SER D 58 21.41 -0.26 0.43
CA SER D 58 20.84 0.86 -0.33
C SER D 58 21.49 2.19 0.04
N PRO D 59 21.91 2.98 -0.95
CA PRO D 59 22.67 4.21 -0.65
C PRO D 59 21.85 5.31 0.02
N SER D 60 20.63 5.57 -0.45
CA SER D 60 19.85 6.71 0.07
C SER D 60 18.47 6.27 0.52
N SER D 61 17.99 6.86 1.63
CA SER D 61 16.59 6.71 2.04
C SER D 61 16.14 7.76 3.03
N TRP D 62 14.87 8.14 2.91
CA TRP D 62 14.17 8.93 3.93
C TRP D 62 14.12 8.11 5.21
N ILE D 63 14.25 8.77 6.34
CA ILE D 63 13.93 8.12 7.59
C ILE D 63 12.81 8.90 8.28
N GLY D 64 12.08 8.25 9.17
CA GLY D 64 10.95 8.90 9.85
C GLY D 64 11.37 9.90 10.92
N VAL D 65 12.02 10.99 10.50
CA VAL D 65 12.52 12.02 11.40
C VAL D 65 12.31 13.39 10.74
N PHE D 66 11.89 14.40 11.51
CA PHE D 66 11.56 15.70 10.90
C PHE D 66 11.57 16.92 11.83
N ARG D 67 11.47 18.09 11.20
CA ARG D 67 11.29 19.37 11.88
C ARG D 67 10.14 20.13 11.24
N ASN D 68 9.44 20.91 12.07
CA ASN D 68 8.47 21.90 11.57
C ASN D 68 9.20 23.07 10.92
N SER D 69 10.35 23.45 11.49
CA SER D 69 11.18 24.55 10.97
C SER D 69 12.64 24.43 11.41
N SER D 70 13.47 25.30 10.82
CA SER D 70 14.93 25.30 10.99
C SER D 70 15.41 25.03 12.41
N HIS D 71 14.72 25.55 13.42
CA HIS D 71 15.00 25.08 14.77
C HIS D 71 13.87 24.96 15.76
N HIS D 72 13.20 23.82 15.62
CA HIS D 72 12.74 23.05 16.75
C HIS D 72 13.54 21.76 16.57
N PRO D 73 13.71 20.97 17.64
CA PRO D 73 14.57 19.78 17.54
C PRO D 73 14.03 18.72 16.57
N TRP D 74 14.90 17.84 16.10
CA TRP D 74 14.49 16.72 15.24
C TRP D 74 13.62 15.71 16.02
N VAL D 75 12.47 15.34 15.42
CA VAL D 75 11.47 14.53 16.08
C VAL D 75 11.22 13.26 15.27
N THR D 76 11.01 12.14 15.95
CA THR D 76 10.64 10.87 15.29
C THR D 76 9.13 10.82 15.08
N MET D 77 8.67 9.79 14.38
CA MET D 77 7.25 9.54 14.20
C MET D 77 6.65 8.78 15.40
N ASN D 78 7.50 8.30 16.30
CA ASN D 78 7.04 7.78 17.60
C ASN D 78 6.87 8.88 18.64
N GLY D 79 7.13 10.13 18.26
CA GLY D 79 6.96 11.28 19.15
C GLY D 79 8.09 11.51 20.15
N LEU D 80 9.31 11.15 19.75
CA LEU D 80 10.49 11.26 20.61
C LEU D 80 11.56 12.15 19.98
N ALA D 81 12.51 12.58 20.79
CA ALA D 81 13.66 13.34 20.31
C ALA D 81 14.68 12.40 19.67
N PHE D 82 15.08 12.71 18.44
CA PHE D 82 16.00 11.85 17.67
C PHE D 82 17.43 12.08 18.15
N LYS D 83 18.00 11.08 18.81
CA LYS D 83 19.27 11.26 19.53
C LYS D 83 20.55 11.08 18.70
N HIS D 84 20.41 10.76 17.40
CA HIS D 84 21.56 10.73 16.49
C HIS D 84 21.68 12.07 15.77
N GLU D 85 22.92 12.54 15.62
CA GLU D 85 23.18 13.81 14.97
C GLU D 85 22.89 13.67 13.49
N ILE D 86 22.30 14.71 12.91
CA ILE D 86 22.00 14.75 11.48
C ILE D 86 22.59 16.04 10.88
N LYS D 87 23.23 15.90 9.72
CA LYS D 87 23.96 17.00 9.08
C LYS D 87 23.02 18.06 8.51
N ALA D 92 19.84 25.18 4.49
CA ALA D 92 18.96 26.30 4.17
C ALA D 92 17.52 26.01 4.59
N GLU D 93 16.79 25.22 3.80
CA GLU D 93 15.36 24.96 4.05
C GLU D 93 15.08 23.47 4.19
N LEU D 94 15.94 22.77 4.94
CA LEU D 94 15.89 21.31 5.02
C LEU D 94 15.29 20.90 6.34
N ASN D 95 14.09 20.32 6.31
CA ASN D 95 13.35 19.99 7.53
C ASN D 95 12.98 18.50 7.68
N CYS D 96 13.52 17.64 6.82
CA CYS D 96 13.27 16.20 6.85
C CYS D 96 14.60 15.46 6.72
N ALA D 97 14.73 14.33 7.41
CA ALA D 97 15.99 13.60 7.43
C ALA D 97 16.03 12.48 6.38
N VAL D 98 17.24 12.23 5.87
CA VAL D 98 17.51 11.15 4.92
C VAL D 98 18.81 10.47 5.35
N LEU D 99 18.84 9.14 5.24
CA LEU D 99 20.07 8.37 5.42
C LEU D 99 20.71 8.17 4.05
N GLN D 100 21.92 8.71 3.87
CA GLN D 100 22.69 8.60 2.61
C GLN D 100 24.12 8.11 2.85
N VAL D 101 24.38 6.85 2.49
CA VAL D 101 25.65 6.15 2.76
C VAL D 101 26.24 6.39 4.17
N ASN D 102 25.72 5.64 5.13
CA ASN D 102 26.13 5.70 6.54
C ASN D 102 26.29 7.10 7.14
N ARG D 103 25.44 8.03 6.70
CA ARG D 103 25.30 9.32 7.36
C ARG D 103 23.86 9.84 7.32
N LEU D 104 23.51 10.60 8.35
CA LEU D 104 22.18 11.19 8.46
C LEU D 104 22.26 12.61 7.91
N LYS D 105 21.51 12.85 6.83
CA LYS D 105 21.57 14.10 6.09
C LYS D 105 20.24 14.84 6.17
N SER D 106 20.30 16.16 6.20
CA SER D 106 19.11 17.01 6.15
C SER D 106 18.76 17.18 4.67
N ALA D 107 17.48 17.11 4.34
CA ALA D 107 17.07 17.28 2.94
C ALA D 107 15.72 17.99 2.81
N GLN D 108 15.52 18.66 1.68
CA GLN D 108 14.28 19.37 1.40
C GLN D 108 13.15 18.35 1.27
N CYS D 109 12.12 18.52 2.08
CA CYS D 109 11.03 17.54 2.21
C CYS D 109 10.31 17.25 0.89
N GLY D 110 10.33 18.21 -0.03
CA GLY D 110 9.73 18.04 -1.36
C GLY D 110 10.59 17.33 -2.39
N SER D 111 11.83 16.97 -2.04
CA SER D 111 12.69 16.21 -2.94
C SER D 111 12.07 14.84 -3.13
N SER D 112 12.17 14.30 -4.33
CA SER D 112 11.83 12.89 -4.53
C SER D 112 13.07 12.07 -4.19
N ILE D 113 12.93 11.18 -3.21
CA ILE D 113 14.02 10.33 -2.77
C ILE D 113 13.48 8.92 -2.50
N ILE D 114 14.35 7.91 -2.65
CA ILE D 114 14.02 6.52 -2.30
C ILE D 114 13.56 6.47 -0.84
N TYR D 115 12.62 5.57 -0.55
CA TYR D 115 12.18 5.32 0.82
C TYR D 115 12.12 3.82 1.09
N HIS D 116 12.48 3.44 2.31
CA HIS D 116 12.28 2.08 2.81
C HIS D 116 11.24 2.06 3.93
N CYS D 117 10.67 0.88 4.17
CA CYS D 117 9.72 0.67 5.26
C CYS D 117 10.25 -0.39 6.25
N LYS D 118 9.83 -0.31 7.51
CA LYS D 118 10.36 -1.19 8.56
C LYS D 118 9.33 -1.54 9.65
N HIS D 119 9.34 -2.79 10.11
CA HIS D 119 8.34 -3.35 11.04
C HIS D 119 8.88 -3.41 12.45
N LYS D 120 8.00 -3.16 13.40
CA LYS D 120 8.34 -3.30 14.81
C LYS D 120 8.59 -4.78 15.18
#